data_7HAZ
#
_entry.id   7HAZ
#
_cell.length_a   65.582
_cell.length_b   89.547
_cell.length_c   100.016
_cell.angle_alpha   90.000
_cell.angle_beta   90.000
_cell.angle_gamma   90.000
#
_symmetry.space_group_name_H-M   'I 2 2 2'
#
loop_
_entity.id
_entity.type
_entity.pdbx_description
1 polymer 'Heat shock protein HSP 90-alpha'
2 non-polymer (2-phenoxyphenyl)methanol
3 water water
#
_entity_poly.entity_id   1
_entity_poly.type   'polypeptide(L)'
_entity_poly.pdbx_seq_one_letter_code
;MDQPMEEEEVETFAFQAEIAQLMSLIINTFYSNKEIFLRELISNSSDALDKIRYESLTDPSKLDSGKELHINLIPNKQDR
TLTIVDTGIGMTKADLINNLGTIAKSGTKAFMEALQAGADISMIGQFGVGFYSAYLVAEKVTVITKHNDDEQYAWESSAG
GSFTVRTDTGEPMGRGTKVILHLKEDQTEYLEERRIKEIVKKHSQFIGYPITLFVEKERDKEVSDDEAELEHHHHHH
;
_entity_poly.pdbx_strand_id   A
#
loop_
_chem_comp.id
_chem_comp.type
_chem_comp.name
_chem_comp.formula
A1AYI non-polymer (2-phenoxyphenyl)methanol 'C13 H12 O2'
#
# COMPACT_ATOMS: atom_id res chain seq x y z
N GLU A 9 -22.94 2.27 6.06
CA GLU A 9 -22.41 2.64 7.36
C GLU A 9 -20.92 2.96 7.23
N VAL A 10 -20.60 4.26 7.17
CA VAL A 10 -19.25 4.74 6.96
C VAL A 10 -18.77 5.44 8.22
N GLU A 11 -17.62 5.03 8.74
CA GLU A 11 -17.00 5.67 9.90
C GLU A 11 -15.87 6.57 9.42
N THR A 12 -15.85 7.81 9.90
CA THR A 12 -14.81 8.77 9.53
C THR A 12 -13.92 9.03 10.73
N PHE A 13 -12.60 8.99 10.50
CA PHE A 13 -11.59 9.09 11.54
C PHE A 13 -10.63 10.22 11.21
N ALA A 14 -10.08 10.84 12.24
CA ALA A 14 -8.98 11.79 12.05
C ALA A 14 -7.64 11.07 12.14
N PHE A 15 -6.74 11.39 11.22
CA PHE A 15 -5.35 10.95 11.39
C PHE A 15 -4.77 11.56 12.66
N GLN A 16 -3.91 10.79 13.34
CA GLN A 16 -3.06 11.41 14.34
C GLN A 16 -2.26 12.54 13.71
N ALA A 17 -2.01 13.58 14.50
CA ALA A 17 -1.38 14.79 13.98
C ALA A 17 -0.07 14.49 13.26
N GLU A 18 0.72 13.55 13.79
CA GLU A 18 2.02 13.26 13.18
C GLU A 18 1.86 12.59 11.82
N ILE A 19 0.83 11.75 11.66
CA ILE A 19 0.59 11.11 10.38
C ILE A 19 0.08 12.13 9.37
N ALA A 20 -0.83 13.01 9.81
CA ALA A 20 -1.26 14.09 8.94
C ALA A 20 -0.07 14.92 8.48
N GLN A 21 0.87 15.19 9.38
CA GLN A 21 2.07 15.96 9.03
C GLN A 21 2.92 15.21 8.01
N LEU A 22 3.12 13.90 8.21
CA LEU A 22 3.86 13.10 7.23
C LEU A 22 3.21 13.16 5.86
N MET A 23 1.88 13.04 5.83
CA MET A 23 1.15 12.99 4.56
C MET A 23 1.25 14.34 3.83
N SER A 24 1.13 15.45 4.56
CA SER A 24 1.28 16.76 3.95
C SER A 24 2.70 16.99 3.45
N LEU A 25 3.72 16.47 4.17
CA LEU A 25 5.09 16.57 3.68
C LEU A 25 5.27 15.81 2.37
N ILE A 26 4.70 14.62 2.28
CA ILE A 26 4.82 13.81 1.07
C ILE A 26 4.12 14.48 -0.10
N ILE A 27 3.01 15.14 0.16
CA ILE A 27 2.23 15.76 -0.92
C ILE A 27 2.86 17.08 -1.37
N ASN A 28 3.42 17.84 -0.43
CA ASN A 28 3.80 19.22 -0.72
C ASN A 28 5.28 19.42 -1.01
N THR A 29 6.14 18.48 -0.63
CA THR A 29 7.57 18.65 -0.88
C THR A 29 7.90 18.41 -2.34
N PHE A 30 8.67 19.33 -2.95
CA PHE A 30 9.13 19.11 -4.31
C PHE A 30 10.16 17.98 -4.33
N TYR A 31 9.84 16.89 -5.01
CA TYR A 31 10.71 15.72 -5.01
C TYR A 31 10.39 14.91 -6.26
N SER A 32 11.34 14.85 -7.20
CA SER A 32 11.04 14.34 -8.53
C SER A 32 10.98 12.82 -8.59
N ASN A 33 11.63 12.12 -7.67
CA ASN A 33 11.86 10.67 -7.77
C ASN A 33 10.65 9.91 -7.21
N LYS A 34 9.48 10.17 -7.80
CA LYS A 34 8.21 9.65 -7.28
C LYS A 34 8.07 8.15 -7.48
N GLU A 35 8.82 7.56 -8.42
CA GLU A 35 8.62 6.17 -8.81
C GLU A 35 8.88 5.19 -7.67
N ILE A 36 9.54 5.63 -6.60
CA ILE A 36 9.82 4.72 -5.49
C ILE A 36 8.55 4.31 -4.75
N PHE A 37 7.42 4.96 -5.00
CA PHE A 37 6.17 4.52 -4.38
C PHE A 37 5.92 3.05 -4.67
N LEU A 38 6.22 2.61 -5.89
CA LEU A 38 5.86 1.25 -6.26
C LEU A 38 6.74 0.23 -5.54
N ARG A 39 8.03 0.52 -5.44
CA ARG A 39 8.93 -0.31 -4.63
C ARG A 39 8.42 -0.46 -3.20
N GLU A 40 7.97 0.65 -2.62
CA GLU A 40 7.54 0.60 -1.22
C GLU A 40 6.29 -0.25 -1.06
N LEU A 41 5.33 -0.14 -1.99
CA LEU A 41 4.10 -0.91 -1.87
C LEU A 41 4.33 -2.38 -2.16
N ILE A 42 5.21 -2.69 -3.13
CA ILE A 42 5.55 -4.08 -3.40
C ILE A 42 6.30 -4.67 -2.21
N SER A 43 7.15 -3.87 -1.54
CA SER A 43 7.86 -4.37 -0.37
C SER A 43 6.89 -4.64 0.78
N ASN A 44 5.89 -3.77 0.96
CA ASN A 44 4.86 -4.03 1.95
C ASN A 44 4.11 -5.33 1.64
N SER A 45 3.74 -5.52 0.37
CA SER A 45 3.06 -6.75 -0.02
C SER A 45 3.93 -7.96 0.28
N SER A 46 5.23 -7.87 -0.03
CA SER A 46 6.13 -8.98 0.26
C SER A 46 6.19 -9.26 1.75
N ASP A 47 6.22 -8.22 2.60
CA ASP A 47 6.20 -8.45 4.04
C ASP A 47 4.92 -9.13 4.49
N ALA A 48 3.79 -8.76 3.89
CA ALA A 48 2.52 -9.39 4.26
C ALA A 48 2.46 -10.84 3.80
N LEU A 49 3.05 -11.14 2.65
CA LEU A 49 3.13 -12.51 2.18
C LEU A 49 4.06 -13.35 3.05
N ASP A 50 5.18 -12.76 3.50
CA ASP A 50 6.05 -13.46 4.44
C ASP A 50 5.31 -13.86 5.71
N LYS A 51 4.44 -12.98 6.20
CA LYS A 51 3.76 -13.25 7.47
C LYS A 51 2.79 -14.42 7.35
N ILE A 52 1.98 -14.45 6.29
CA ILE A 52 1.05 -15.56 6.17
C ILE A 52 1.80 -16.84 5.85
N ARG A 53 2.92 -16.75 5.13
CA ARG A 53 3.72 -17.94 4.89
C ARG A 53 4.24 -18.51 6.20
N TYR A 54 4.80 -17.65 7.06
CA TYR A 54 5.34 -18.13 8.33
C TYR A 54 4.26 -18.77 9.19
N GLU A 55 3.08 -18.15 9.24
CA GLU A 55 2.00 -18.69 10.06
C GLU A 55 1.57 -20.06 9.53
N SER A 56 1.57 -20.23 8.20
CA SER A 56 1.16 -21.49 7.59
C SER A 56 2.15 -22.61 7.82
N LEU A 57 3.38 -22.30 8.26
CA LEU A 57 4.37 -23.35 8.48
C LEU A 57 3.97 -24.26 9.64
N THR A 58 3.26 -23.73 10.63
CA THR A 58 2.81 -24.52 11.76
C THR A 58 1.31 -24.77 11.76
N ASP A 59 0.55 -24.08 10.90
CA ASP A 59 -0.90 -24.24 10.82
C ASP A 59 -1.29 -24.11 9.35
N PRO A 60 -1.27 -25.21 8.60
CA PRO A 60 -1.62 -25.13 7.17
C PRO A 60 -3.01 -24.59 6.91
N SER A 61 -3.95 -24.75 7.86
CA SER A 61 -5.30 -24.26 7.64
C SER A 61 -5.34 -22.75 7.45
N LYS A 62 -4.28 -22.03 7.81
CA LYS A 62 -4.24 -20.59 7.58
C LYS A 62 -4.29 -20.26 6.09
N LEU A 63 -3.98 -21.21 5.22
CA LEU A 63 -4.07 -21.01 3.78
C LEU A 63 -5.37 -21.54 3.19
N ASP A 64 -6.34 -21.90 4.03
CA ASP A 64 -7.64 -22.33 3.50
C ASP A 64 -8.31 -21.23 2.71
N SER A 65 -7.98 -19.97 3.02
CA SER A 65 -8.48 -18.80 2.31
C SER A 65 -7.71 -18.50 1.04
N GLY A 66 -6.84 -19.40 0.60
CA GLY A 66 -6.04 -19.17 -0.59
C GLY A 66 -4.62 -19.66 -0.46
N LYS A 67 -4.24 -20.63 -1.29
CA LYS A 67 -2.90 -21.19 -1.23
C LYS A 67 -1.87 -20.34 -1.96
N GLU A 68 -2.30 -19.55 -2.94
CA GLU A 68 -1.38 -18.84 -3.82
C GLU A 68 -0.84 -17.60 -3.13
N LEU A 69 0.46 -17.39 -3.22
CA LEU A 69 1.15 -16.25 -2.61
C LEU A 69 1.75 -15.43 -3.75
N HIS A 70 1.11 -14.29 -4.08
CA HIS A 70 1.55 -13.55 -5.27
C HIS A 70 1.18 -12.08 -5.13
N ILE A 71 1.71 -11.30 -6.06
CA ILE A 71 1.47 -9.86 -6.20
C ILE A 71 1.05 -9.58 -7.62
N ASN A 72 -0.06 -8.88 -7.80
CA ASN A 72 -0.54 -8.47 -9.11
C ASN A 72 -0.54 -6.95 -9.21
N LEU A 73 -0.11 -6.43 -10.37
CA LEU A 73 -0.15 -5.01 -10.67
C LEU A 73 -1.16 -4.80 -11.78
N ILE A 74 -2.20 -4.02 -11.52
CA ILE A 74 -3.32 -3.88 -12.45
C ILE A 74 -3.50 -2.40 -12.78
N PRO A 75 -3.04 -1.97 -13.95
CA PRO A 75 -3.35 -0.61 -14.40
C PRO A 75 -4.70 -0.56 -15.10
N ASN A 76 -5.42 0.56 -14.91
CA ASN A 76 -6.69 0.79 -15.58
C ASN A 76 -6.72 2.23 -16.06
N LYS A 77 -6.57 2.42 -17.37
CA LYS A 77 -6.49 3.79 -17.90
C LYS A 77 -7.83 4.49 -17.89
N GLN A 78 -8.94 3.74 -17.98
CA GLN A 78 -10.26 4.36 -17.97
C GLN A 78 -10.59 4.95 -16.61
N ASP A 79 -10.29 4.21 -15.54
CA ASP A 79 -10.49 4.69 -14.18
C ASP A 79 -9.33 5.53 -13.66
N ARG A 80 -8.22 5.55 -14.40
CA ARG A 80 -6.96 6.18 -13.98
C ARG A 80 -6.54 5.67 -12.61
N THR A 81 -6.50 4.35 -12.47
CA THR A 81 -6.09 3.71 -11.23
C THR A 81 -4.98 2.71 -11.49
N LEU A 82 -4.08 2.58 -10.52
CA LEU A 82 -3.10 1.50 -10.46
C LEU A 82 -3.36 0.73 -9.18
N THR A 83 -3.63 -0.56 -9.31
CA THR A 83 -3.97 -1.39 -8.17
C THR A 83 -2.86 -2.41 -7.91
N ILE A 84 -2.41 -2.49 -6.66
CA ILE A 84 -1.42 -3.47 -6.23
C ILE A 84 -2.16 -4.47 -5.34
N VAL A 85 -2.25 -5.72 -5.80
CA VAL A 85 -2.98 -6.78 -5.10
C VAL A 85 -1.97 -7.79 -4.57
N ASP A 86 -2.15 -8.21 -3.32
CA ASP A 86 -1.37 -9.33 -2.79
C ASP A 86 -2.28 -10.26 -2.03
N THR A 87 -1.84 -11.51 -1.89
CA THR A 87 -2.56 -12.52 -1.12
C THR A 87 -1.86 -12.77 0.21
N GLY A 88 -1.38 -11.69 0.84
CA GLY A 88 -0.70 -11.77 2.11
C GLY A 88 -1.67 -11.93 3.27
N ILE A 89 -1.15 -11.66 4.48
CA ILE A 89 -1.91 -11.92 5.69
C ILE A 89 -3.13 -11.02 5.83
N GLY A 90 -3.15 -9.87 5.15
CA GLY A 90 -4.26 -8.95 5.28
C GLY A 90 -4.22 -8.21 6.61
N MET A 91 -5.26 -7.42 6.84
CA MET A 91 -5.34 -6.56 8.00
C MET A 91 -6.72 -6.66 8.61
N THR A 92 -6.78 -6.70 9.95
CA THR A 92 -8.05 -6.56 10.63
C THR A 92 -8.52 -5.11 10.60
N LYS A 93 -9.80 -4.91 10.94
CA LYS A 93 -10.33 -3.56 11.06
C LYS A 93 -9.50 -2.74 12.04
N ALA A 94 -9.13 -3.34 13.17
CA ALA A 94 -8.31 -2.65 14.16
C ALA A 94 -6.97 -2.24 13.58
N ASP A 95 -6.32 -3.12 12.80
CA ASP A 95 -5.07 -2.77 12.14
C ASP A 95 -5.26 -1.62 11.17
N LEU A 96 -6.32 -1.66 10.35
CA LEU A 96 -6.56 -0.59 9.39
C LEU A 96 -6.63 0.75 10.10
N ILE A 97 -7.42 0.83 11.17
CA ILE A 97 -7.58 2.09 11.88
C ILE A 97 -6.27 2.52 12.51
N ASN A 98 -5.51 1.57 13.05
CA ASN A 98 -4.22 1.85 13.68
C ASN A 98 -3.12 1.95 12.61
N ASN A 99 -3.32 2.91 11.70
CA ASN A 99 -2.32 3.28 10.69
C ASN A 99 -1.88 2.09 9.85
N LEU A 100 -2.84 1.26 9.44
CA LEU A 100 -2.62 0.16 8.50
C LEU A 100 -1.48 -0.75 8.97
N GLY A 101 -1.49 -1.09 10.25
CA GLY A 101 -0.53 -2.02 10.81
C GLY A 101 0.88 -1.49 10.99
N THR A 102 1.08 -0.18 10.88
CA THR A 102 2.40 0.41 10.98
C THR A 102 2.58 1.10 12.33
N ILE A 103 3.84 1.29 12.70
CA ILE A 103 4.23 2.10 13.85
C ILE A 103 4.41 3.54 13.39
N ALA A 104 3.36 4.13 12.81
CA ALA A 104 3.50 5.34 12.04
C ALA A 104 3.92 6.54 12.88
N LYS A 105 3.51 6.61 14.15
CA LYS A 105 3.89 7.74 14.98
C LYS A 105 5.39 7.76 15.24
N SER A 106 5.94 6.65 15.77
CA SER A 106 7.38 6.61 16.00
C SER A 106 8.16 6.55 14.70
N GLY A 107 7.59 5.92 13.67
CA GLY A 107 8.27 5.87 12.38
C GLY A 107 8.40 7.23 11.73
N THR A 108 7.32 8.03 11.77
CA THR A 108 7.40 9.39 11.27
C THR A 108 8.43 10.20 12.03
N LYS A 109 8.46 10.08 13.36
CA LYS A 109 9.46 10.79 14.15
C LYS A 109 10.87 10.44 13.70
N ALA A 110 11.16 9.15 13.54
CA ALA A 110 12.48 8.73 13.10
C ALA A 110 12.76 9.20 11.67
N PHE A 111 11.75 9.13 10.80
CA PHE A 111 11.93 9.56 9.41
C PHE A 111 12.29 11.04 9.34
N MET A 112 11.60 11.88 10.10
CA MET A 112 11.83 13.32 9.98
C MET A 112 13.13 13.74 10.66
N GLU A 113 13.59 13.03 11.70
CA GLU A 113 14.93 13.27 12.19
C GLU A 113 15.98 12.86 11.18
N ALA A 114 15.70 11.85 10.36
CA ALA A 114 16.65 11.44 9.33
C ALA A 114 16.70 12.45 8.20
N LEU A 115 15.55 13.05 7.86
CA LEU A 115 15.50 14.00 6.76
C LEU A 115 16.33 15.24 7.07
N GLN A 116 16.31 15.68 8.32
CA GLN A 116 17.13 16.83 8.69
C GLN A 116 18.58 16.45 8.97
N ALA A 117 18.91 15.16 8.86
CA ALA A 117 20.27 14.66 9.03
C ALA A 117 20.83 14.08 7.74
N GLY A 118 20.24 14.41 6.59
CA GLY A 118 20.81 14.03 5.31
C GLY A 118 20.06 12.97 4.54
N ALA A 119 18.90 12.52 5.00
CA ALA A 119 18.12 11.54 4.26
C ALA A 119 17.21 12.24 3.27
N ASP A 120 16.67 11.47 2.33
CA ASP A 120 15.69 11.97 1.38
C ASP A 120 14.46 11.07 1.42
N ILE A 121 13.42 11.50 0.70
CA ILE A 121 12.11 10.86 0.80
C ILE A 121 12.18 9.40 0.36
N SER A 122 13.11 9.06 -0.53
CA SER A 122 13.19 7.68 -1.03
C SER A 122 13.53 6.68 0.08
N MET A 123 14.03 7.13 1.22
CA MET A 123 14.40 6.26 2.32
C MET A 123 13.23 6.01 3.28
N ILE A 124 12.02 6.46 2.92
CA ILE A 124 10.86 6.39 3.81
C ILE A 124 10.61 4.96 4.31
N GLY A 125 10.85 3.96 3.46
CA GLY A 125 10.55 2.59 3.83
C GLY A 125 11.38 2.05 4.99
N GLN A 126 12.56 2.62 5.23
CA GLN A 126 13.38 2.20 6.36
C GLN A 126 12.76 2.56 7.70
N PHE A 127 11.69 3.35 7.71
CA PHE A 127 11.09 3.84 8.93
C PHE A 127 9.67 3.30 9.12
N GLY A 128 9.29 2.31 8.31
CA GLY A 128 8.03 1.61 8.48
C GLY A 128 6.80 2.34 7.98
N VAL A 129 6.95 3.46 7.28
CA VAL A 129 5.79 4.22 6.84
C VAL A 129 5.78 4.35 5.32
N GLY A 130 6.37 3.36 4.65
CA GLY A 130 6.45 3.40 3.20
C GLY A 130 5.10 3.42 2.50
N PHE A 131 4.06 2.90 3.15
CA PHE A 131 2.73 2.93 2.54
C PHE A 131 2.34 4.34 2.10
N TYR A 132 2.66 5.34 2.92
CA TYR A 132 2.21 6.70 2.67
C TYR A 132 2.89 7.32 1.47
N SER A 133 3.96 6.72 0.95
CA SER A 133 4.53 7.18 -0.32
C SER A 133 3.56 7.04 -1.47
N ALA A 134 2.46 6.30 -1.30
CA ALA A 134 1.40 6.27 -2.30
C ALA A 134 0.96 7.68 -2.68
N TYR A 135 1.00 8.62 -1.73
CA TYR A 135 0.52 9.97 -2.00
C TYR A 135 1.53 10.82 -2.77
N LEU A 136 2.68 10.25 -3.15
CA LEU A 136 3.52 10.89 -4.15
C LEU A 136 2.83 10.92 -5.51
N VAL A 137 1.98 9.94 -5.79
CA VAL A 137 1.36 9.81 -7.11
C VAL A 137 -0.16 9.77 -7.07
N ALA A 138 -0.79 9.52 -5.92
CA ALA A 138 -2.24 9.32 -5.87
C ALA A 138 -2.90 10.49 -5.17
N GLU A 139 -4.01 10.97 -5.75
CA GLU A 139 -4.85 11.94 -5.08
C GLU A 139 -5.76 11.29 -4.05
N LYS A 140 -6.06 10.00 -4.21
CA LYS A 140 -6.88 9.25 -3.27
C LYS A 140 -6.38 7.81 -3.28
N VAL A 141 -6.40 7.17 -2.11
CA VAL A 141 -5.98 5.78 -2.00
C VAL A 141 -7.10 5.00 -1.30
N THR A 142 -7.49 3.87 -1.90
CA THR A 142 -8.44 2.93 -1.30
C THR A 142 -7.69 1.64 -0.96
N VAL A 143 -7.92 1.12 0.23
CA VAL A 143 -7.29 -0.13 0.67
C VAL A 143 -8.41 -1.11 1.04
N ILE A 144 -8.53 -2.19 0.27
CA ILE A 144 -9.47 -3.27 0.54
C ILE A 144 -8.67 -4.42 1.14
N THR A 145 -9.13 -4.97 2.25
CA THR A 145 -8.31 -5.97 2.93
C THR A 145 -9.19 -7.03 3.58
N LYS A 146 -8.67 -8.25 3.64
CA LYS A 146 -9.33 -9.37 4.31
C LYS A 146 -8.28 -10.17 5.07
N HIS A 147 -8.42 -10.22 6.39
CA HIS A 147 -7.59 -11.01 7.28
C HIS A 147 -8.40 -12.25 7.70
N ASN A 148 -7.69 -13.36 7.97
CA ASN A 148 -8.40 -14.58 8.35
C ASN A 148 -9.30 -14.38 9.57
N ASP A 149 -8.97 -13.43 10.45
CA ASP A 149 -9.67 -13.27 11.71
C ASP A 149 -10.73 -12.17 11.68
N ASP A 150 -11.02 -11.60 10.52
CA ASP A 150 -11.95 -10.47 10.44
C ASP A 150 -12.67 -10.50 9.09
N GLU A 151 -13.60 -9.57 8.91
CA GLU A 151 -14.33 -9.43 7.66
C GLU A 151 -13.59 -8.51 6.70
N GLN A 152 -14.11 -8.41 5.49
CA GLN A 152 -13.48 -7.59 4.46
C GLN A 152 -13.86 -6.13 4.65
N TYR A 153 -12.84 -5.26 4.70
CA TYR A 153 -13.03 -3.84 4.98
C TYR A 153 -12.38 -2.98 3.90
N ALA A 154 -12.92 -1.77 3.75
CA ALA A 154 -12.38 -0.78 2.82
C ALA A 154 -11.97 0.47 3.59
N TRP A 155 -10.71 0.84 3.46
CA TRP A 155 -10.14 2.07 3.99
C TRP A 155 -9.97 3.05 2.85
N GLU A 156 -10.17 4.35 3.11
CA GLU A 156 -10.03 5.32 2.03
C GLU A 156 -9.60 6.67 2.59
N SER A 157 -8.73 7.37 1.85
CA SER A 157 -8.37 8.72 2.24
C SER A 157 -7.88 9.50 1.02
N SER A 158 -8.35 10.75 0.92
CA SER A 158 -7.79 11.74 0.03
C SER A 158 -6.87 12.71 0.77
N ALA A 159 -6.31 12.26 1.89
CA ALA A 159 -5.47 13.07 2.78
C ALA A 159 -6.36 14.16 3.37
N GLY A 160 -5.85 15.36 3.61
CA GLY A 160 -6.69 16.38 4.22
C GLY A 160 -7.08 16.11 5.65
N GLY A 161 -6.45 15.12 6.30
CA GLY A 161 -6.59 14.93 7.74
C GLY A 161 -7.55 13.84 8.19
N SER A 162 -8.23 13.15 7.27
CA SER A 162 -9.22 12.17 7.66
C SER A 162 -9.17 10.96 6.74
N PHE A 163 -9.64 9.83 7.26
CA PHE A 163 -9.84 8.61 6.48
C PHE A 163 -11.16 7.98 6.88
N THR A 164 -11.69 7.13 6.00
CA THR A 164 -12.93 6.41 6.28
C THR A 164 -12.70 4.92 6.28
N VAL A 165 -13.53 4.20 7.03
CA VAL A 165 -13.53 2.75 7.05
C VAL A 165 -14.97 2.27 6.96
N ARG A 166 -15.22 1.29 6.10
CA ARG A 166 -16.53 0.68 5.94
C ARG A 166 -16.34 -0.79 5.64
N THR A 167 -17.38 -1.57 5.92
CA THR A 167 -17.43 -2.94 5.42
C THR A 167 -17.44 -2.90 3.90
N ASP A 168 -16.64 -3.76 3.27
CA ASP A 168 -16.54 -3.76 1.83
C ASP A 168 -17.68 -4.59 1.24
N THR A 169 -18.46 -3.99 0.37
CA THR A 169 -19.53 -4.67 -0.35
C THR A 169 -19.06 -5.31 -1.65
N GLY A 170 -17.85 -4.98 -2.10
CA GLY A 170 -17.38 -5.43 -3.40
C GLY A 170 -17.02 -6.90 -3.49
N GLU A 171 -16.15 -7.22 -4.46
CA GLU A 171 -15.81 -8.61 -4.72
C GLU A 171 -15.10 -9.24 -3.52
N PRO A 172 -15.52 -10.42 -3.08
CA PRO A 172 -14.77 -11.12 -2.03
C PRO A 172 -13.35 -11.39 -2.48
N MET A 173 -12.42 -11.27 -1.53
CA MET A 173 -10.99 -11.39 -1.78
C MET A 173 -10.37 -12.71 -1.32
N GLY A 174 -10.96 -13.39 -0.34
CA GLY A 174 -10.35 -14.59 0.20
C GLY A 174 -9.42 -14.26 1.34
N ARG A 175 -8.32 -13.57 1.02
CA ARG A 175 -7.33 -13.15 1.99
C ARG A 175 -6.31 -12.24 1.31
N GLY A 176 -5.96 -11.12 1.94
CA GLY A 176 -4.93 -10.29 1.38
C GLY A 176 -5.34 -8.84 1.36
N THR A 177 -4.63 -8.06 0.55
CA THR A 177 -4.84 -6.62 0.52
C THR A 177 -4.76 -6.10 -0.90
N LYS A 178 -5.61 -5.14 -1.21
CA LYS A 178 -5.66 -4.45 -2.49
C LYS A 178 -5.47 -2.96 -2.24
N VAL A 179 -4.41 -2.38 -2.81
CA VAL A 179 -4.16 -0.94 -2.70
C VAL A 179 -4.52 -0.31 -4.05
N ILE A 180 -5.55 0.52 -4.07
CA ILE A 180 -6.03 1.17 -5.29
C ILE A 180 -5.53 2.61 -5.27
N LEU A 181 -4.66 2.95 -6.21
CA LEU A 181 -4.11 4.30 -6.33
C LEU A 181 -4.91 5.06 -7.38
N HIS A 182 -5.69 6.05 -6.95
CA HIS A 182 -6.36 6.95 -7.88
C HIS A 182 -5.37 8.04 -8.24
N LEU A 183 -4.77 7.92 -9.42
CA LEU A 183 -3.58 8.70 -9.74
C LEU A 183 -3.90 10.17 -9.98
N LYS A 184 -2.94 11.03 -9.64
CA LYS A 184 -3.02 12.43 -10.02
C LYS A 184 -2.97 12.56 -11.53
N GLU A 185 -3.59 13.64 -12.04
CA GLU A 185 -3.78 13.79 -13.48
C GLU A 185 -2.45 13.82 -14.23
N ASP A 186 -1.37 14.29 -13.60
CA ASP A 186 -0.07 14.38 -14.26
C ASP A 186 0.85 13.21 -13.90
N GLN A 187 0.30 12.12 -13.37
CA GLN A 187 1.08 10.96 -12.98
C GLN A 187 0.63 9.69 -13.71
N THR A 188 0.05 9.85 -14.89
CA THR A 188 -0.48 8.70 -15.62
C THR A 188 0.59 7.87 -16.31
N GLU A 189 1.86 8.29 -16.27
CA GLU A 189 2.93 7.44 -16.78
C GLU A 189 2.97 6.10 -16.04
N TYR A 190 2.50 6.07 -14.79
CA TYR A 190 2.52 4.85 -14.00
C TYR A 190 1.39 3.89 -14.37
N LEU A 191 0.62 4.20 -15.42
CA LEU A 191 -0.30 3.26 -16.02
C LEU A 191 0.28 2.58 -17.25
N GLU A 192 1.45 3.01 -17.72
CA GLU A 192 2.02 2.55 -18.97
C GLU A 192 2.83 1.28 -18.71
N GLU A 193 2.59 0.24 -19.52
CA GLU A 193 3.21 -1.06 -19.26
C GLU A 193 4.73 -0.94 -19.22
N ARG A 194 5.33 -0.24 -20.19
CA ARG A 194 6.78 -0.19 -20.23
C ARG A 194 7.36 0.57 -19.03
N ARG A 195 6.60 1.53 -18.50
CA ARG A 195 7.10 2.28 -17.33
C ARG A 195 7.03 1.41 -16.07
N ILE A 196 5.92 0.69 -15.87
CA ILE A 196 5.82 -0.20 -14.71
C ILE A 196 6.89 -1.28 -14.78
N LYS A 197 7.07 -1.89 -15.96
CA LYS A 197 8.10 -2.92 -16.14
C LYS A 197 9.47 -2.38 -15.76
N GLU A 198 9.80 -1.18 -16.24
CA GLU A 198 11.08 -0.56 -15.92
C GLU A 198 11.26 -0.39 -14.42
N ILE A 199 10.23 0.06 -13.73
CA ILE A 199 10.34 0.32 -12.30
C ILE A 199 10.48 -0.98 -11.52
N VAL A 200 9.69 -1.99 -11.87
CA VAL A 200 9.79 -3.29 -11.20
C VAL A 200 11.19 -3.88 -11.38
N LYS A 201 11.73 -3.80 -12.60
CA LYS A 201 13.07 -4.33 -12.83
C LYS A 201 14.14 -3.54 -12.09
N LYS A 202 13.93 -2.23 -11.95
CA LYS A 202 14.94 -1.38 -11.31
C LYS A 202 14.99 -1.61 -9.80
N HIS A 203 13.82 -1.73 -9.16
CA HIS A 203 13.70 -1.66 -7.71
C HIS A 203 13.19 -2.91 -7.03
N SER A 204 12.60 -3.86 -7.77
CA SER A 204 11.91 -4.99 -7.16
C SER A 204 12.29 -6.30 -7.82
N GLN A 205 13.48 -6.38 -8.41
CA GLN A 205 13.85 -7.52 -9.22
C GLN A 205 14.10 -8.79 -8.41
N PHE A 206 14.30 -8.68 -7.09
CA PHE A 206 14.62 -9.82 -6.25
C PHE A 206 13.52 -10.18 -5.26
N ILE A 207 12.34 -9.56 -5.38
CA ILE A 207 11.21 -9.93 -4.53
C ILE A 207 10.88 -11.40 -4.72
N GLY A 208 10.68 -12.11 -3.62
CA GLY A 208 10.55 -13.57 -3.65
C GLY A 208 9.16 -14.11 -3.92
N TYR A 209 8.33 -13.34 -4.62
CA TYR A 209 6.98 -13.75 -4.98
C TYR A 209 6.72 -13.34 -6.43
N PRO A 210 5.92 -14.11 -7.16
CA PRO A 210 5.62 -13.72 -8.55
C PRO A 210 4.88 -12.40 -8.62
N ILE A 211 5.41 -11.48 -9.43
CA ILE A 211 4.76 -10.20 -9.71
C ILE A 211 4.25 -10.26 -11.14
N THR A 212 2.94 -10.17 -11.31
CA THR A 212 2.31 -10.26 -12.62
C THR A 212 1.77 -8.89 -12.99
N LEU A 213 2.28 -8.32 -14.07
CA LEU A 213 1.79 -7.05 -14.58
C LEU A 213 0.67 -7.34 -15.58
N PHE A 214 -0.55 -6.99 -15.21
CA PHE A 214 -1.71 -7.18 -16.09
C PHE A 214 -1.61 -6.21 -17.26
N VAL A 215 -2.17 -6.61 -18.40
CA VAL A 215 -2.25 -5.73 -19.56
C VAL A 215 -3.71 -5.33 -19.78
N GLU A 216 -3.91 -4.33 -20.63
CA GLU A 216 -5.24 -3.77 -20.84
C GLU A 216 -5.71 -3.99 -22.27
N LYS A 217 -7.02 -3.92 -22.45
CA LYS A 217 -7.67 -3.90 -23.76
C LYS A 217 -7.30 -5.10 -24.62
O2 A1AYI B . 1.60 -3.83 4.57
O1 A1AYI B . -0.31 -5.92 2.13
C1 A1AYI B . 0.57 -4.82 2.06
C10 A1AYI B . -0.23 -6.36 6.46
C11 A1AYI B . 0.80 -7.07 7.02
C12 A1AYI B . 2.10 -6.70 6.75
C13 A1AYI B . 2.38 -5.61 5.94
C2 A1AYI B . 0.02 -3.59 2.75
C3 A1AYI B . -1.02 -2.86 2.17
C4 A1AYI B . -1.53 -1.73 2.78
C5 A1AYI B . -1.00 -1.30 3.98
C6 A1AYI B . 0.03 -2.00 4.58
C7 A1AYI B . 0.55 -3.13 3.97
C8 A1AYI B . 1.32 -4.92 5.39
C9 A1AYI B . 0.01 -5.27 5.64
#